data_3WG5
#
_entry.id   3WG5
#
_cell.length_a   111.448
_cell.length_b   111.448
_cell.length_c   91.738
_cell.angle_alpha   90.00
_cell.angle_beta   90.00
_cell.angle_gamma   90.00
#
_symmetry.space_group_name_H-M   'P 43 21 2'
#
loop_
_entity.id
_entity.type
_entity.pdbx_description
1 polymer '441aa long hypothetical nfeD protein'
2 polymer 'PH1511 stomatin'
3 non-polymer GLYCEROL
4 non-polymer IMIDAZOLE
5 non-polymer 'CHLORIDE ION'
6 water water
#
loop_
_entity_poly.entity_id
_entity_poly.type
_entity_poly.pdbx_seq_one_letter_code
_entity_poly.pdbx_strand_id
1 'polypeptide(L)'
;MSPILAKNIVYVAQIKGQITSYTYDQFDRYITIAEQDNAEAIIIELDTPGGRADAMMNIVQRIQQSKIPVIIYVYPPGAS
AASAGTYIALGSHLIAMAPGTSIGACRPILGYSQNGSIIEAPPAITNYFIAYIKSLAQESGRNATIAEEFITKDLSLTPE
EALKYGVIEVVARDINELLKKSNGMKTKIPVNGRYVTLNFTNVEVRYLAPSFKDKLISYITDLEHHHHHH
;
A,B
2 'polypeptide(L)' NVIVLMLPME C
#
loop_
_chem_comp.id
_chem_comp.type
_chem_comp.name
_chem_comp.formula
CL non-polymer 'CHLORIDE ION' 'Cl -1'
GOL non-polymer GLYCEROL 'C3 H8 O3'
IMD non-polymer IMIDAZOLE 'C3 H5 N2 1'
#
# COMPACT_ATOMS: atom_id res chain seq x y z
N LEU A 5 11.38 19.35 34.99
CA LEU A 5 10.32 20.25 34.45
C LEU A 5 10.89 21.57 33.86
N ALA A 6 12.09 21.95 34.29
CA ALA A 6 12.79 23.11 33.71
C ALA A 6 14.02 22.67 32.90
N LYS A 7 13.78 21.80 31.92
CA LYS A 7 14.81 21.29 31.02
C LYS A 7 14.49 21.63 29.58
N ASN A 8 15.54 21.75 28.77
CA ASN A 8 15.40 21.86 27.33
C ASN A 8 15.77 20.50 26.70
N ILE A 9 14.78 19.80 26.15
CA ILE A 9 14.98 18.43 25.67
C ILE A 9 14.72 18.29 24.17
N VAL A 10 15.64 17.63 23.47
CA VAL A 10 15.48 17.27 22.07
C VAL A 10 15.51 15.75 21.93
N TYR A 11 14.42 15.18 21.43
CA TYR A 11 14.41 13.76 21.15
C TYR A 11 14.96 13.52 19.76
N VAL A 12 15.62 12.37 19.62
CA VAL A 12 16.13 11.90 18.35
C VAL A 12 15.64 10.47 18.13
N ALA A 13 14.96 10.25 17.01
CA ALA A 13 14.53 8.92 16.61
C ALA A 13 14.97 8.62 15.19
N GLN A 14 14.81 7.35 14.82
CA GLN A 14 15.33 6.84 13.59
C GLN A 14 14.20 6.20 12.80
N ILE A 15 14.11 6.54 11.52
CA ILE A 15 13.12 5.92 10.65
C ILE A 15 13.73 5.50 9.31
N LYS A 16 13.70 4.20 9.06
CA LYS A 16 14.42 3.57 7.95
C LYS A 16 13.55 2.62 7.17
N GLY A 17 13.58 2.75 5.84
CA GLY A 17 12.91 1.82 4.95
C GLY A 17 11.68 2.38 4.26
N GLN A 18 10.86 1.47 3.76
CA GLN A 18 9.63 1.82 3.08
C GLN A 18 8.68 2.53 4.03
N ILE A 19 8.10 3.62 3.55
CA ILE A 19 7.06 4.32 4.28
C ILE A 19 5.77 3.54 4.13
N THR A 20 5.30 2.93 5.22
CA THR A 20 4.04 2.15 5.23
C THR A 20 3.18 2.56 6.43
N SER A 21 2.04 1.88 6.58
CA SER A 21 1.16 2.03 7.74
C SER A 21 1.94 1.95 9.04
N TYR A 22 2.88 1.00 9.08
CA TYR A 22 3.69 0.83 10.28
C TYR A 22 4.67 2.01 10.52
N THR A 23 5.11 2.67 9.45
CA THR A 23 5.95 3.85 9.60
C THR A 23 5.15 4.97 10.27
N TYR A 24 3.87 5.08 9.91
CA TYR A 24 3.00 6.04 10.55
C TYR A 24 3.04 5.84 12.05
N ASP A 25 2.73 4.62 12.49
CA ASP A 25 2.74 4.24 13.90
C ASP A 25 4.02 4.67 14.60
N GLN A 26 5.16 4.51 13.92
CA GLN A 26 6.47 4.90 14.48
C GLN A 26 6.54 6.42 14.70
N PHE A 27 6.25 7.18 13.64
CA PHE A 27 6.21 8.64 13.73
C PHE A 27 5.31 9.07 14.89
N ASP A 28 4.13 8.50 14.95
CA ASP A 28 3.16 8.83 15.98
C ASP A 28 3.68 8.49 17.37
N ARG A 29 4.28 7.32 17.53
CA ARG A 29 4.85 6.91 18.82
C ARG A 29 5.97 7.87 19.28
N TYR A 30 6.94 8.13 18.40
CA TYR A 30 8.07 8.99 18.72
C TYR A 30 7.65 10.43 19.01
N ILE A 31 6.80 11.00 18.15
CA ILE A 31 6.29 12.36 18.33
C ILE A 31 5.47 12.49 19.62
N THR A 32 4.64 11.48 19.90
CA THR A 32 3.82 11.46 21.13
C THR A 32 4.70 11.51 22.38
N ILE A 33 5.73 10.66 22.44
CA ILE A 33 6.70 10.70 23.54
C ILE A 33 7.24 12.13 23.75
N ALA A 34 7.72 12.74 22.66
CA ALA A 34 8.30 14.07 22.71
C ALA A 34 7.30 15.15 23.15
N GLU A 35 6.06 15.03 22.67
CA GLU A 35 4.98 15.93 23.11
C GLU A 35 4.71 15.84 24.62
N GLN A 36 4.53 14.61 25.11
CA GLN A 36 4.18 14.39 26.51
C GLN A 36 5.31 14.78 27.46
N ASP A 37 6.53 14.80 26.93
CA ASP A 37 7.71 15.27 27.65
C ASP A 37 8.03 16.76 27.48
N ASN A 38 7.15 17.49 26.80
CA ASN A 38 7.40 18.91 26.50
C ASN A 38 8.78 19.18 25.88
N ALA A 39 9.10 18.42 24.84
CA ALA A 39 10.38 18.56 24.18
C ALA A 39 10.41 19.84 23.36
N GLU A 40 11.59 20.46 23.26
CA GLU A 40 11.79 21.64 22.42
C GLU A 40 11.61 21.27 20.95
N ALA A 41 12.04 20.05 20.60
CA ALA A 41 11.91 19.54 19.23
C ALA A 41 12.12 18.03 19.23
N ILE A 42 11.74 17.40 18.12
CA ILE A 42 12.15 16.03 17.84
C ILE A 42 12.83 16.00 16.50
N ILE A 43 14.00 15.34 16.48
CA ILE A 43 14.74 15.16 15.25
C ILE A 43 14.55 13.73 14.77
N ILE A 44 14.10 13.59 13.52
CA ILE A 44 13.90 12.30 12.93
C ILE A 44 14.94 12.05 11.85
N GLU A 45 15.83 11.11 12.15
CA GLU A 45 16.84 10.64 11.22
C GLU A 45 16.16 9.74 10.19
N LEU A 46 16.04 10.24 8.95
CA LEU A 46 15.21 9.61 7.93
C LEU A 46 16.01 9.03 6.75
N ASP A 47 15.76 7.75 6.47
CA ASP A 47 16.38 7.07 5.34
C ASP A 47 15.31 6.18 4.69
N THR A 48 14.73 6.69 3.60
CA THR A 48 13.65 6.01 2.93
C THR A 48 13.79 6.09 1.40
N PRO A 49 13.77 4.93 0.72
CA PRO A 49 13.84 4.85 -0.74
C PRO A 49 12.48 4.96 -1.41
N GLY A 50 11.41 4.78 -0.66
CA GLY A 50 10.06 4.81 -1.21
C GLY A 50 9.00 4.47 -0.18
N GLY A 51 7.74 4.48 -0.61
CA GLY A 51 6.64 4.20 0.26
C GLY A 51 5.27 4.45 -0.32
N ARG A 52 4.26 4.35 0.53
CA ARG A 52 2.87 4.49 0.11
C ARG A 52 2.31 5.90 0.36
N ALA A 53 1.53 6.39 -0.61
CA ALA A 53 0.93 7.72 -0.53
C ALA A 53 0.08 7.94 0.73
N ASP A 54 -0.77 6.96 1.06
CA ASP A 54 -1.67 7.10 2.21
C ASP A 54 -0.94 7.25 3.55
N ALA A 55 0.09 6.43 3.77
CA ALA A 55 0.90 6.55 4.99
C ALA A 55 1.67 7.87 5.02
N MET A 56 2.26 8.24 3.89
CA MET A 56 2.92 9.52 3.70
C MET A 56 2.00 10.68 4.13
N MET A 57 0.79 10.71 3.59
CA MET A 57 -0.17 11.78 3.87
C MET A 57 -0.59 11.80 5.35
N ASN A 58 -0.66 10.63 5.96
CA ASN A 58 -1.01 10.56 7.38
C ASN A 58 0.12 11.07 8.25
N ILE A 59 1.35 10.79 7.82
CA ILE A 59 2.54 11.25 8.52
C ILE A 59 2.64 12.79 8.43
N VAL A 60 2.44 13.34 7.23
CA VAL A 60 2.48 14.78 7.05
C VAL A 60 1.45 15.44 7.98
N GLN A 61 0.23 14.91 7.95
CA GLN A 61 -0.86 15.37 8.83
C GLN A 61 -0.47 15.35 10.31
N ARG A 62 0.13 14.24 10.75
CA ARG A 62 0.53 14.07 12.14
C ARG A 62 1.62 15.07 12.52
N ILE A 63 2.45 15.39 11.54
CA ILE A 63 3.50 16.39 11.74
C ILE A 63 2.87 17.78 11.81
N GLN A 64 1.94 18.06 10.90
CA GLN A 64 1.17 19.32 10.91
C GLN A 64 0.47 19.58 12.23
N GLN A 65 -0.01 18.51 12.87
CA GLN A 65 -0.74 18.62 14.14
C GLN A 65 0.17 18.47 15.35
N SER A 66 1.46 18.27 15.12
CA SER A 66 2.38 18.04 16.22
C SER A 66 2.43 19.25 17.14
N LYS A 67 2.51 18.99 18.44
CA LYS A 67 2.55 20.06 19.42
C LYS A 67 3.99 20.53 19.66
N ILE A 68 4.94 19.84 19.05
CA ILE A 68 6.34 20.28 19.05
C ILE A 68 6.89 20.26 17.62
N PRO A 69 7.94 21.06 17.36
CA PRO A 69 8.57 21.03 16.03
C PRO A 69 9.12 19.65 15.67
N VAL A 70 8.90 19.23 14.42
CA VAL A 70 9.49 18.01 13.89
C VAL A 70 10.57 18.37 12.86
N ILE A 71 11.82 18.01 13.15
CA ILE A 71 12.93 18.21 12.23
C ILE A 71 13.25 16.92 11.49
N ILE A 72 13.11 16.95 10.17
CA ILE A 72 13.43 15.82 9.34
C ILE A 72 14.88 15.93 8.91
N TYR A 73 15.66 14.93 9.30
CA TYR A 73 17.10 14.94 9.06
C TYR A 73 17.48 13.74 8.19
N VAL A 74 17.82 14.00 6.92
CA VAL A 74 18.22 12.92 6.02
C VAL A 74 19.62 12.49 6.41
N TYR A 75 19.68 11.32 7.06
CA TYR A 75 20.85 10.82 7.77
C TYR A 75 20.69 9.29 7.88
N PRO A 76 21.82 8.52 7.86
CA PRO A 76 23.23 8.91 7.79
C PRO A 76 23.69 9.17 6.35
N PRO A 77 24.95 9.60 6.15
CA PRO A 77 25.47 9.77 4.79
C PRO A 77 25.14 8.57 3.89
N GLY A 78 24.62 8.85 2.70
CA GLY A 78 24.13 7.78 1.81
C GLY A 78 22.63 7.55 1.92
N ALA A 79 22.00 8.12 2.94
CA ALA A 79 20.54 8.05 3.08
C ALA A 79 19.84 8.83 1.97
N SER A 80 18.57 8.54 1.76
CA SER A 80 17.78 9.38 0.88
C SER A 80 16.40 9.61 1.47
N ALA A 81 15.82 10.75 1.18
CA ALA A 81 14.42 11.00 1.46
C ALA A 81 13.76 11.08 0.10
N ALA A 82 13.79 9.97 -0.62
CA ALA A 82 13.25 9.90 -1.96
C ALA A 82 11.77 9.59 -1.88
N SER A 83 11.07 9.74 -3.01
CA SER A 83 9.67 9.30 -3.10
C SER A 83 8.86 9.88 -1.92
N ALA A 84 8.19 9.05 -1.12
CA ALA A 84 7.33 9.50 0.00
C ALA A 84 8.04 10.31 1.06
N GLY A 85 9.31 9.99 1.30
CA GLY A 85 10.11 10.73 2.26
C GLY A 85 10.28 12.21 1.93
N THR A 86 10.25 12.57 0.65
CA THR A 86 10.41 13.96 0.24
C THR A 86 9.21 14.79 0.71
N TYR A 87 7.99 14.27 0.49
CA TYR A 87 6.75 14.87 0.98
C TYR A 87 6.78 15.04 2.48
N ILE A 88 7.20 13.99 3.18
CA ILE A 88 7.31 14.04 4.63
C ILE A 88 8.23 15.18 5.04
N ALA A 89 9.36 15.30 4.34
CA ALA A 89 10.30 16.40 4.56
C ALA A 89 9.66 17.75 4.33
N LEU A 90 9.07 17.92 3.14
CA LEU A 90 8.46 19.19 2.76
C LEU A 90 7.31 19.56 3.67
N GLY A 91 6.71 18.55 4.29
CA GLY A 91 5.60 18.78 5.20
C GLY A 91 6.00 19.12 6.62
N SER A 92 7.31 19.23 6.88
CA SER A 92 7.79 19.39 8.27
C SER A 92 8.37 20.79 8.63
N HIS A 93 8.64 20.97 9.93
CA HIS A 93 9.10 22.26 10.49
C HIS A 93 10.48 22.70 10.05
N LEU A 94 11.35 21.74 9.76
CA LEU A 94 12.69 22.07 9.30
C LEU A 94 13.30 20.82 8.64
N ILE A 95 14.03 21.03 7.55
CA ILE A 95 14.70 19.92 6.91
C ILE A 95 16.20 20.09 7.00
N ALA A 96 16.88 19.05 7.47
CA ALA A 96 18.34 18.99 7.42
C ALA A 96 18.81 17.79 6.60
N MET A 97 19.97 17.94 5.99
CA MET A 97 20.54 16.87 5.20
C MET A 97 21.99 16.68 5.57
N ALA A 98 22.38 15.43 5.79
CA ALA A 98 23.77 15.05 6.03
C ALA A 98 24.52 14.98 4.69
N PRO A 99 25.83 15.30 4.70
CA PRO A 99 26.65 15.19 3.49
C PRO A 99 26.45 13.83 2.82
N GLY A 100 26.32 13.82 1.50
CA GLY A 100 26.23 12.58 0.73
C GLY A 100 24.84 11.97 0.71
N THR A 101 23.83 12.75 1.10
CA THR A 101 22.43 12.29 1.05
C THR A 101 21.68 12.83 -0.18
N SER A 102 20.43 12.43 -0.32
CA SER A 102 19.65 12.72 -1.52
C SER A 102 18.22 13.13 -1.15
N ILE A 103 17.64 14.05 -1.90
CA ILE A 103 16.22 14.37 -1.76
C ILE A 103 15.57 14.51 -3.14
N GLY A 104 14.37 13.97 -3.30
CA GLY A 104 13.63 14.11 -4.56
C GLY A 104 13.12 12.82 -5.17
N ALA A 105 12.86 12.85 -6.49
CA ALA A 105 12.33 11.69 -7.24
C ALA A 105 11.00 11.20 -6.67
N CYS A 106 9.95 12.00 -6.87
CA CYS A 106 8.66 11.82 -6.20
C CYS A 106 7.50 11.49 -7.11
N ARG A 107 7.80 11.11 -8.35
CA ARG A 107 6.77 10.74 -9.32
C ARG A 107 5.82 9.73 -8.68
N PRO A 108 4.51 10.01 -8.72
CA PRO A 108 3.55 9.00 -8.27
C PRO A 108 3.42 7.87 -9.27
N ILE A 109 3.44 6.64 -8.77
CA ILE A 109 3.16 5.46 -9.60
C ILE A 109 2.05 4.58 -9.02
N LEU A 110 1.42 3.80 -9.89
CA LEU A 110 0.49 2.78 -9.48
C LEU A 110 1.22 1.58 -8.88
N GLY A 111 2.52 1.46 -9.16
CA GLY A 111 3.32 0.40 -8.56
C GLY A 111 4.19 -0.39 -9.52
N TYR A 112 4.37 -1.67 -9.22
CA TYR A 112 5.30 -2.51 -9.96
C TYR A 112 4.65 -3.77 -10.54
N SER A 113 4.90 -4.00 -11.83
CA SER A 113 4.42 -5.19 -12.56
C SER A 113 5.20 -6.44 -12.14
N GLN A 114 4.76 -7.60 -12.63
CA GLN A 114 5.46 -8.87 -12.42
C GLN A 114 6.94 -8.79 -12.80
N ASN A 115 7.23 -8.15 -13.95
CA ASN A 115 8.57 -7.82 -14.42
C ASN A 115 9.45 -7.09 -13.40
N GLY A 116 8.81 -6.18 -12.66
CA GLY A 116 9.53 -5.16 -11.92
C GLY A 116 9.41 -3.86 -12.71
N SER A 117 8.72 -3.95 -13.85
CA SER A 117 8.41 -2.78 -14.68
C SER A 117 7.56 -1.78 -13.93
N ILE A 118 7.73 -0.51 -14.27
CA ILE A 118 7.03 0.57 -13.62
C ILE A 118 5.62 0.66 -14.18
N ILE A 119 4.62 0.65 -13.29
CA ILE A 119 3.24 0.90 -13.69
C ILE A 119 2.92 2.36 -13.39
N GLU A 120 2.92 3.19 -14.42
CA GLU A 120 2.69 4.62 -14.29
C GLU A 120 1.25 4.94 -13.92
N ALA A 121 1.05 6.10 -13.31
CA ALA A 121 -0.28 6.56 -12.96
C ALA A 121 -0.89 7.31 -14.14
N PRO A 122 -2.24 7.41 -14.18
CA PRO A 122 -2.89 8.31 -15.16
C PRO A 122 -2.35 9.73 -15.04
N PRO A 123 -2.23 10.44 -16.18
CA PRO A 123 -1.61 11.78 -16.16
C PRO A 123 -2.22 12.70 -15.09
N ALA A 124 -3.54 12.63 -14.93
CA ALA A 124 -4.27 13.48 -13.98
C ALA A 124 -3.87 13.27 -12.50
N ILE A 125 -3.57 12.04 -12.13
CA ILE A 125 -3.08 11.77 -10.76
C ILE A 125 -1.64 12.27 -10.52
N THR A 126 -0.84 12.32 -11.58
CA THR A 126 0.41 13.06 -11.53
C THR A 126 0.13 14.53 -11.20
N ASN A 127 -0.86 15.11 -11.87
CA ASN A 127 -1.24 16.50 -11.58
C ASN A 127 -1.77 16.71 -10.14
N TYR A 128 -2.42 15.70 -9.59
CA TYR A 128 -2.87 15.72 -8.19
C TYR A 128 -1.68 15.80 -7.23
N PHE A 129 -0.71 14.91 -7.40
CA PHE A 129 0.50 14.96 -6.56
C PHE A 129 1.39 16.19 -6.79
N ILE A 130 1.32 16.76 -7.99
CA ILE A 130 1.99 18.04 -8.24
C ILE A 130 1.35 19.12 -7.38
N ALA A 131 0.02 19.22 -7.43
CA ALA A 131 -0.72 20.17 -6.59
C ALA A 131 -0.37 19.97 -5.11
N TYR A 132 -0.40 18.72 -4.66
CA TYR A 132 -0.10 18.39 -3.26
C TYR A 132 1.33 18.80 -2.84
N ILE A 133 2.32 18.45 -3.66
CA ILE A 133 3.71 18.81 -3.36
C ILE A 133 3.94 20.35 -3.39
N LYS A 134 3.32 21.02 -4.38
CA LYS A 134 3.35 22.49 -4.44
C LYS A 134 2.75 23.12 -3.19
N SER A 135 1.62 22.57 -2.74
CA SER A 135 0.98 23.02 -1.50
C SER A 135 1.89 22.92 -0.28
N LEU A 136 2.53 21.76 -0.09
CA LEU A 136 3.45 21.55 1.04
C LEU A 136 4.57 22.56 1.01
N ALA A 137 5.12 22.78 -0.18
CA ALA A 137 6.22 23.70 -0.35
C ALA A 137 5.79 25.14 -0.06
N GLN A 138 4.63 25.55 -0.59
CA GLN A 138 4.24 26.94 -0.37
C GLN A 138 3.79 27.20 1.07
N GLU A 139 3.16 26.20 1.69
CA GLU A 139 2.80 26.29 3.11
C GLU A 139 4.02 26.38 4.03
N SER A 140 5.15 25.83 3.59
CA SER A 140 6.35 25.92 4.39
C SER A 140 7.37 26.91 3.82
N GLY A 141 6.96 27.67 2.81
CA GLY A 141 7.78 28.75 2.25
C GLY A 141 9.00 28.27 1.49
N ARG A 142 8.88 27.08 0.89
CA ARG A 142 9.99 26.42 0.24
C ARG A 142 9.76 26.45 -1.27
N ASN A 143 10.84 26.22 -2.04
CA ASN A 143 10.80 26.34 -3.50
C ASN A 143 9.88 25.33 -4.20
N ALA A 144 8.66 25.78 -4.49
CA ALA A 144 7.63 24.94 -5.11
C ALA A 144 7.90 24.66 -6.59
N THR A 145 8.73 25.46 -7.22
CA THR A 145 9.15 25.20 -8.59
C THR A 145 10.01 23.93 -8.62
N ILE A 146 11.05 23.89 -7.80
CA ILE A 146 11.92 22.72 -7.68
C ILE A 146 11.12 21.51 -7.19
N ALA A 147 10.24 21.73 -6.21
CA ALA A 147 9.41 20.66 -5.65
C ALA A 147 8.60 20.01 -6.76
N GLU A 148 7.99 20.83 -7.60
CA GLU A 148 7.27 20.32 -8.76
C GLU A 148 8.17 19.44 -9.63
N GLU A 149 9.42 19.85 -9.80
CA GLU A 149 10.38 19.13 -10.65
C GLU A 149 10.83 17.78 -10.08
N PHE A 150 10.75 17.62 -8.75
CA PHE A 150 10.91 16.31 -8.10
C PHE A 150 10.03 15.25 -8.77
N ILE A 151 8.87 15.70 -9.26
CA ILE A 151 7.90 14.82 -9.93
C ILE A 151 8.12 14.83 -11.45
N THR A 152 8.00 16.01 -12.07
CA THR A 152 7.94 16.13 -13.53
C THR A 152 9.26 15.80 -14.21
N LYS A 153 10.37 15.98 -13.49
CA LYS A 153 11.68 15.72 -14.04
C LYS A 153 12.39 14.62 -13.28
N ASP A 154 11.66 13.93 -12.41
CA ASP A 154 12.24 12.96 -11.48
C ASP A 154 13.47 13.54 -10.77
N LEU A 155 13.43 14.84 -10.53
CA LEU A 155 14.60 15.55 -10.05
C LEU A 155 15.01 15.13 -8.64
N SER A 156 16.31 14.96 -8.47
CA SER A 156 16.93 14.55 -7.23
C SER A 156 18.05 15.56 -6.95
N LEU A 157 18.30 15.88 -5.68
CA LEU A 157 19.31 16.90 -5.33
C LEU A 157 20.20 16.50 -4.17
N THR A 158 21.46 16.96 -4.23
CA THR A 158 22.42 16.80 -3.14
C THR A 158 22.10 17.83 -2.04
N PRO A 159 22.71 17.68 -0.85
CA PRO A 159 22.44 18.65 0.23
C PRO A 159 22.64 20.11 -0.19
N GLU A 160 23.82 20.41 -0.76
CA GLU A 160 24.20 21.79 -1.13
C GLU A 160 23.28 22.39 -2.18
N GLU A 161 22.82 21.56 -3.10
CA GLU A 161 21.88 21.99 -4.11
C GLU A 161 20.54 22.32 -3.48
N ALA A 162 20.02 21.39 -2.67
CA ALA A 162 18.77 21.55 -1.94
C ALA A 162 18.77 22.84 -1.11
N LEU A 163 19.91 23.15 -0.49
CA LEU A 163 20.04 24.38 0.26
C LEU A 163 19.96 25.60 -0.67
N LYS A 164 20.82 25.61 -1.70
CA LYS A 164 20.89 26.74 -2.64
C LYS A 164 19.53 27.02 -3.28
N TYR A 165 18.79 25.96 -3.61
CA TYR A 165 17.48 26.11 -4.24
C TYR A 165 16.33 26.42 -3.27
N GLY A 166 16.65 26.57 -1.99
CA GLY A 166 15.65 26.89 -0.96
C GLY A 166 14.58 25.81 -0.77
N VAL A 167 15.04 24.57 -0.64
CA VAL A 167 14.19 23.41 -0.39
C VAL A 167 14.41 22.93 1.06
N ILE A 168 15.65 23.04 1.55
CA ILE A 168 15.96 22.65 2.93
C ILE A 168 16.58 23.83 3.72
N GLU A 169 16.72 23.68 5.03
CA GLU A 169 17.24 24.77 5.84
C GLU A 169 18.64 24.55 6.41
N VAL A 170 19.08 23.29 6.48
CA VAL A 170 20.33 22.96 7.15
C VAL A 170 21.08 21.81 6.44
N VAL A 171 22.41 21.97 6.33
CA VAL A 171 23.30 20.87 5.98
C VAL A 171 24.16 20.61 7.23
N ALA A 172 24.14 19.38 7.73
CA ALA A 172 24.86 19.04 8.97
C ALA A 172 25.37 17.61 8.99
N ARG A 173 26.57 17.41 9.52
CA ARG A 173 27.22 16.09 9.52
C ARG A 173 26.68 15.19 10.63
N ASP A 174 26.27 15.79 11.74
CA ASP A 174 25.70 15.03 12.86
C ASP A 174 24.72 15.87 13.70
N ILE A 175 24.11 15.23 14.71
CA ILE A 175 23.07 15.83 15.56
C ILE A 175 23.54 17.12 16.22
N ASN A 176 24.76 17.10 16.75
CA ASN A 176 25.33 18.27 17.41
C ASN A 176 25.53 19.46 16.48
N GLU A 177 26.00 19.20 15.26
CA GLU A 177 26.09 20.26 14.26
C GLU A 177 24.68 20.72 13.85
N LEU A 178 23.75 19.78 13.72
CA LEU A 178 22.36 20.13 13.40
C LEU A 178 21.81 21.11 14.44
N LEU A 179 22.00 20.80 15.72
CA LEU A 179 21.52 21.66 16.80
C LEU A 179 22.17 23.04 16.74
N LYS A 180 23.49 23.07 16.53
CA LYS A 180 24.21 24.33 16.49
C LYS A 180 23.73 25.23 15.36
N LYS A 181 23.54 24.66 14.17
CA LYS A 181 23.15 25.44 12.99
C LYS A 181 21.68 25.88 12.97
N SER A 182 20.80 25.03 13.48
CA SER A 182 19.36 25.28 13.44
C SER A 182 18.90 26.10 14.65
N ASN A 183 19.77 26.21 15.65
CA ASN A 183 19.50 27.07 16.80
C ASN A 183 19.18 28.51 16.37
N GLY A 184 18.07 29.05 16.88
CA GLY A 184 17.60 30.38 16.49
C GLY A 184 16.74 30.44 15.22
N MET A 185 16.62 29.33 14.50
CA MET A 185 15.81 29.33 13.28
C MET A 185 14.32 29.28 13.62
N LYS A 186 13.52 29.97 12.82
CA LYS A 186 12.07 29.83 12.90
C LYS A 186 11.68 28.55 12.17
N THR A 187 10.68 27.84 12.72
CA THR A 187 10.09 26.71 12.03
C THR A 187 9.42 27.20 10.74
N LYS A 188 9.42 26.37 9.71
CA LYS A 188 8.85 26.72 8.43
C LYS A 188 7.32 26.59 8.42
N ILE A 189 6.77 25.84 9.37
CA ILE A 189 5.34 25.79 9.54
C ILE A 189 5.05 26.11 11.01
N PRO A 190 3.81 26.44 11.36
CA PRO A 190 3.53 26.73 12.76
C PRO A 190 3.55 25.50 13.66
N VAL A 191 3.75 25.76 14.94
CA VAL A 191 3.44 24.81 15.99
C VAL A 191 2.27 25.41 16.74
N ASN A 192 1.14 24.71 16.71
CA ASN A 192 -0.10 25.15 17.36
C ASN A 192 -0.42 26.62 17.06
N GLY A 193 -0.37 26.97 15.78
CA GLY A 193 -0.78 28.30 15.34
C GLY A 193 0.28 29.38 15.38
N ARG A 194 1.46 29.07 15.93
CA ARG A 194 2.53 30.06 15.97
C ARG A 194 3.85 29.52 15.41
N TYR A 195 4.48 30.31 14.53
CA TYR A 195 5.85 30.04 14.13
C TYR A 195 6.75 30.26 15.31
N VAL A 196 7.70 29.35 15.45
CA VAL A 196 8.43 29.17 16.68
C VAL A 196 9.92 29.28 16.41
N THR A 197 10.64 29.93 17.33
CA THR A 197 12.09 30.06 17.23
C THR A 197 12.75 28.94 18.02
N LEU A 198 13.54 28.11 17.34
CA LEU A 198 14.19 26.97 18.00
C LEU A 198 15.25 27.41 19.00
N ASN A 199 15.13 26.90 20.22
CA ASN A 199 16.08 27.20 21.29
C ASN A 199 16.84 25.95 21.64
N PHE A 200 18.04 25.79 21.08
CA PHE A 200 18.85 24.59 21.30
C PHE A 200 20.10 24.85 22.14
N THR A 201 20.14 25.96 22.87
CA THR A 201 21.23 26.22 23.80
C THR A 201 20.94 25.49 25.11
N ASN A 202 21.96 24.83 25.65
CA ASN A 202 21.87 24.13 26.94
C ASN A 202 20.89 22.95 26.87
N VAL A 203 20.87 22.28 25.71
CA VAL A 203 19.87 21.23 25.44
C VAL A 203 20.33 19.80 25.81
N GLU A 204 19.42 19.04 26.40
CA GLU A 204 19.63 17.62 26.64
C GLU A 204 19.09 16.80 25.46
N VAL A 205 19.96 15.96 24.88
CA VAL A 205 19.64 15.13 23.72
C VAL A 205 19.27 13.73 24.19
N ARG A 206 18.09 13.27 23.82
CA ARG A 206 17.62 11.92 24.20
C ARG A 206 17.32 11.11 22.96
N TYR A 207 17.99 9.96 22.84
CA TYR A 207 17.83 9.06 21.71
C TYR A 207 16.75 8.03 22.00
N LEU A 208 15.80 7.89 21.08
CA LEU A 208 14.76 6.87 21.20
C LEU A 208 15.14 5.65 20.36
N ALA A 209 15.41 4.54 21.04
CA ALA A 209 15.83 3.31 20.36
C ALA A 209 14.68 2.74 19.54
N PRO A 210 14.97 2.33 18.29
CA PRO A 210 13.91 1.59 17.62
C PRO A 210 13.68 0.30 18.38
N SER A 211 12.43 -0.16 18.40
CA SER A 211 12.07 -1.37 19.12
C SER A 211 12.41 -2.63 18.30
N PHE A 212 12.30 -3.78 18.95
CA PHE A 212 12.48 -5.04 18.25
C PHE A 212 11.51 -5.13 17.10
N LYS A 213 10.26 -4.76 17.34
CA LYS A 213 9.23 -4.79 16.30
C LYS A 213 9.58 -3.87 15.12
N ASP A 214 10.10 -2.67 15.41
CA ASP A 214 10.54 -1.74 14.34
C ASP A 214 11.60 -2.38 13.46
N LYS A 215 12.71 -2.82 14.06
CA LYS A 215 13.79 -3.44 13.31
C LYS A 215 13.33 -4.69 12.54
N LEU A 216 12.54 -5.54 13.18
CA LEU A 216 12.09 -6.77 12.51
C LEU A 216 11.22 -6.49 11.30
N ILE A 217 10.20 -5.66 11.49
CA ILE A 217 9.25 -5.35 10.41
C ILE A 217 9.92 -4.62 9.26
N SER A 218 10.85 -3.72 9.58
CA SER A 218 11.67 -3.05 8.57
C SER A 218 12.46 -4.08 7.78
N TYR A 219 13.17 -4.97 8.48
CA TYR A 219 13.98 -6.01 7.85
C TYR A 219 13.17 -6.91 6.93
N ILE A 220 11.92 -7.20 7.30
CA ILE A 220 11.07 -8.09 6.52
C ILE A 220 10.57 -7.41 5.24
N THR A 221 10.14 -6.15 5.36
CA THR A 221 9.74 -5.34 4.22
C THR A 221 10.92 -5.15 3.25
N ASP A 222 12.13 -5.13 3.80
CA ASP A 222 13.36 -5.04 3.03
C ASP A 222 13.50 -6.11 1.95
N LEU A 223 13.12 -7.35 2.27
CA LEU A 223 13.28 -8.48 1.35
C LEU A 223 11.96 -8.84 0.64
N LEU B 5 -13.55 -41.22 -16.88
CA LEU B 5 -12.55 -42.28 -16.64
C LEU B 5 -11.35 -41.78 -15.81
N ALA B 6 -10.68 -40.73 -16.28
CA ALA B 6 -9.39 -40.29 -15.73
C ALA B 6 -9.47 -39.60 -14.37
N LYS B 7 -8.38 -39.73 -13.60
CA LYS B 7 -8.28 -39.10 -12.28
C LYS B 7 -7.87 -37.62 -12.39
N ASN B 8 -8.78 -36.74 -11.97
CA ASN B 8 -8.57 -35.31 -12.06
C ASN B 8 -8.09 -34.74 -10.71
N ILE B 9 -6.95 -34.06 -10.73
CA ILE B 9 -6.36 -33.47 -9.51
C ILE B 9 -6.76 -32.00 -9.33
N VAL B 10 -7.37 -31.72 -8.19
CA VAL B 10 -7.75 -30.37 -7.81
C VAL B 10 -6.98 -29.94 -6.57
N TYR B 11 -6.27 -28.82 -6.68
CA TYR B 11 -5.59 -28.21 -5.53
C TYR B 11 -6.49 -27.20 -4.83
N VAL B 12 -6.32 -27.08 -3.52
CA VAL B 12 -7.06 -26.13 -2.71
C VAL B 12 -6.09 -25.36 -1.79
N ALA B 13 -6.03 -24.05 -1.95
CA ALA B 13 -5.23 -23.20 -1.08
C ALA B 13 -6.06 -22.13 -0.39
N GLN B 14 -5.58 -21.66 0.76
CA GLN B 14 -6.20 -20.57 1.49
C GLN B 14 -5.40 -19.28 1.27
N ILE B 15 -6.10 -18.19 0.97
CA ILE B 15 -5.50 -16.87 0.91
C ILE B 15 -6.34 -15.87 1.68
N LYS B 16 -5.72 -15.31 2.73
CA LYS B 16 -6.44 -14.52 3.71
C LYS B 16 -5.76 -13.19 3.97
N GLY B 17 -6.52 -12.21 4.45
CA GLY B 17 -5.97 -10.91 4.80
C GLY B 17 -5.89 -9.90 3.66
N GLN B 18 -5.24 -8.77 3.94
CA GLN B 18 -5.05 -7.69 2.99
C GLN B 18 -4.26 -8.16 1.79
N ILE B 19 -4.62 -7.69 0.60
CA ILE B 19 -3.90 -8.06 -0.61
C ILE B 19 -2.62 -7.23 -0.74
N THR B 20 -1.47 -7.90 -0.66
CA THR B 20 -0.16 -7.26 -0.79
C THR B 20 0.75 -8.09 -1.70
N SER B 21 2.01 -7.68 -1.78
CA SER B 21 3.09 -8.43 -2.47
C SER B 21 3.24 -9.87 -2.00
N TYR B 22 3.06 -10.11 -0.70
CA TYR B 22 3.18 -11.45 -0.14
C TYR B 22 2.02 -12.31 -0.65
N THR B 23 0.87 -11.66 -0.84
CA THR B 23 -0.31 -12.32 -1.40
C THR B 23 -0.05 -12.74 -2.85
N TYR B 24 0.48 -11.82 -3.65
CA TYR B 24 0.90 -12.18 -5.00
C TYR B 24 1.77 -13.43 -4.96
N ASP B 25 2.77 -13.40 -4.09
CA ASP B 25 3.67 -14.53 -3.88
C ASP B 25 2.95 -15.82 -3.54
N GLN B 26 1.92 -15.74 -2.69
CA GLN B 26 1.10 -16.92 -2.39
C GLN B 26 0.38 -17.41 -3.64
N PHE B 27 -0.29 -16.51 -4.36
CA PHE B 27 -0.97 -16.86 -5.61
C PHE B 27 -0.03 -17.52 -6.62
N ASP B 28 1.15 -16.93 -6.79
CA ASP B 28 2.17 -17.46 -7.69
C ASP B 28 2.67 -18.84 -7.25
N ARG B 29 3.02 -18.98 -5.97
CA ARG B 29 3.46 -20.27 -5.40
C ARG B 29 2.41 -21.39 -5.60
N TYR B 30 1.19 -21.17 -5.09
CA TYR B 30 0.13 -22.19 -5.17
C TYR B 30 -0.24 -22.54 -6.63
N ILE B 31 -0.33 -21.54 -7.50
CA ILE B 31 -0.64 -21.78 -8.92
C ILE B 31 0.48 -22.57 -9.63
N THR B 32 1.74 -22.18 -9.43
CA THR B 32 2.89 -22.90 -10.00
C THR B 32 2.84 -24.40 -9.64
N ILE B 33 2.58 -24.70 -8.38
CA ILE B 33 2.50 -26.08 -7.92
C ILE B 33 1.44 -26.88 -8.69
N ALA B 34 0.23 -26.31 -8.79
CA ALA B 34 -0.86 -26.94 -9.54
C ALA B 34 -0.54 -27.12 -11.02
N GLU B 35 0.21 -26.17 -11.60
CA GLU B 35 0.56 -26.22 -13.02
C GLU B 35 1.53 -27.36 -13.32
N GLN B 36 2.56 -27.49 -12.48
CA GLN B 36 3.59 -28.51 -12.66
C GLN B 36 3.05 -29.93 -12.49
N ASP B 37 1.98 -30.09 -11.72
CA ASP B 37 1.34 -31.40 -11.51
C ASP B 37 0.19 -31.66 -12.48
N ASN B 38 0.07 -30.80 -13.48
CA ASN B 38 -0.97 -30.89 -14.52
C ASN B 38 -2.39 -30.92 -13.98
N ALA B 39 -2.66 -30.09 -12.97
CA ALA B 39 -3.95 -30.11 -12.27
C ALA B 39 -5.13 -29.77 -13.18
N GLU B 40 -6.30 -30.27 -12.81
CA GLU B 40 -7.52 -29.91 -13.49
C GLU B 40 -7.91 -28.47 -13.13
N ALA B 41 -7.71 -28.11 -11.86
CA ALA B 41 -8.00 -26.77 -11.35
C ALA B 41 -7.32 -26.53 -10.01
N ILE B 42 -7.10 -25.27 -9.68
CA ILE B 42 -6.79 -24.88 -8.32
C ILE B 42 -7.94 -24.02 -7.78
N ILE B 43 -8.43 -24.39 -6.61
CA ILE B 43 -9.43 -23.59 -5.91
C ILE B 43 -8.73 -22.76 -4.83
N ILE B 44 -9.04 -21.48 -4.78
CA ILE B 44 -8.49 -20.61 -3.77
C ILE B 44 -9.59 -20.12 -2.84
N GLU B 45 -9.49 -20.51 -1.57
CA GLU B 45 -10.41 -20.09 -0.54
C GLU B 45 -9.97 -18.71 -0.11
N LEU B 46 -10.71 -17.71 -0.58
CA LEU B 46 -10.29 -16.32 -0.45
C LEU B 46 -11.12 -15.57 0.59
N ASP B 47 -10.43 -14.91 1.51
CA ASP B 47 -11.08 -14.03 2.50
C ASP B 47 -10.24 -12.77 2.65
N THR B 48 -10.73 -11.68 2.08
CA THR B 48 -9.96 -10.45 2.04
C THR B 48 -10.84 -9.20 2.14
N PRO B 49 -10.44 -8.26 3.02
CA PRO B 49 -11.12 -6.97 3.15
C PRO B 49 -10.66 -5.92 2.15
N GLY B 50 -9.57 -6.18 1.44
CA GLY B 50 -9.02 -5.21 0.50
C GLY B 50 -7.52 -5.34 0.35
N GLY B 51 -6.87 -4.29 -0.13
CA GLY B 51 -5.43 -4.30 -0.28
C GLY B 51 -4.91 -3.40 -1.38
N ARG B 52 -3.69 -3.66 -1.83
CA ARG B 52 -3.01 -2.76 -2.77
C ARG B 52 -3.31 -3.05 -4.25
N ALA B 53 -3.42 -1.99 -5.03
CA ALA B 53 -3.82 -2.06 -6.43
C ALA B 53 -2.84 -2.80 -7.31
N ASP B 54 -1.55 -2.52 -7.15
CA ASP B 54 -0.52 -3.12 -8.01
C ASP B 54 -0.44 -4.62 -7.80
N ALA B 55 -0.56 -5.06 -6.56
CA ALA B 55 -0.53 -6.47 -6.24
C ALA B 55 -1.77 -7.18 -6.79
N MET B 56 -2.92 -6.54 -6.63
CA MET B 56 -4.18 -7.00 -7.18
C MET B 56 -4.07 -7.21 -8.71
N MET B 57 -3.51 -6.22 -9.39
CA MET B 57 -3.35 -6.29 -10.84
C MET B 57 -2.35 -7.35 -11.25
N ASN B 58 -1.30 -7.52 -10.44
CA ASN B 58 -0.33 -8.58 -10.66
C ASN B 58 -0.97 -9.95 -10.46
N ILE B 59 -1.88 -10.05 -9.49
CA ILE B 59 -2.59 -11.30 -9.24
C ILE B 59 -3.56 -11.62 -10.40
N VAL B 60 -4.30 -10.63 -10.88
CA VAL B 60 -5.18 -10.83 -12.01
C VAL B 60 -4.37 -11.32 -13.23
N GLN B 61 -3.22 -10.68 -13.43
CA GLN B 61 -2.29 -11.01 -14.52
C GLN B 61 -1.72 -12.43 -14.39
N ARG B 62 -1.39 -12.82 -13.16
CA ARG B 62 -0.88 -14.17 -12.91
C ARG B 62 -1.96 -15.20 -13.21
N ILE B 63 -3.21 -14.86 -12.85
CA ILE B 63 -4.35 -15.71 -13.15
C ILE B 63 -4.60 -15.81 -14.67
N GLN B 64 -4.44 -14.70 -15.41
CA GLN B 64 -4.61 -14.73 -16.88
C GLN B 64 -3.60 -15.66 -17.56
N GLN B 65 -2.38 -15.68 -17.06
CA GLN B 65 -1.30 -16.47 -17.65
C GLN B 65 -1.35 -17.93 -17.20
N SER B 66 -2.21 -18.23 -16.22
CA SER B 66 -2.26 -19.56 -15.63
C SER B 66 -2.57 -20.63 -16.68
N LYS B 67 -1.84 -21.73 -16.60
CA LYS B 67 -2.00 -22.82 -17.53
C LYS B 67 -3.08 -23.79 -17.04
N ILE B 68 -3.62 -23.54 -15.84
CA ILE B 68 -4.79 -24.27 -15.33
C ILE B 68 -5.90 -23.31 -14.82
N PRO B 69 -7.15 -23.79 -14.78
CA PRO B 69 -8.19 -22.92 -14.24
C PRO B 69 -7.94 -22.55 -12.78
N VAL B 70 -8.20 -21.27 -12.47
CA VAL B 70 -8.18 -20.77 -11.10
C VAL B 70 -9.61 -20.43 -10.69
N ILE B 71 -10.09 -21.13 -9.68
CA ILE B 71 -11.42 -20.92 -9.13
C ILE B 71 -11.27 -20.10 -7.84
N ILE B 72 -11.89 -18.92 -7.81
CA ILE B 72 -11.91 -18.12 -6.61
C ILE B 72 -13.15 -18.49 -5.79
N TYR B 73 -12.93 -18.96 -4.56
CA TYR B 73 -14.00 -19.40 -3.70
C TYR B 73 -14.02 -18.57 -2.44
N VAL B 74 -15.01 -17.71 -2.33
CA VAL B 74 -15.16 -16.89 -1.15
C VAL B 74 -15.64 -17.79 -0.02
N TYR B 75 -14.72 -18.11 0.88
CA TYR B 75 -14.91 -19.12 1.92
C TYR B 75 -13.98 -18.75 3.08
N PRO B 76 -14.37 -19.01 4.34
CA PRO B 76 -15.58 -19.63 4.87
C PRO B 76 -16.73 -18.63 5.09
N PRO B 77 -17.93 -19.11 5.50
CA PRO B 77 -19.02 -18.18 5.81
C PRO B 77 -18.53 -17.03 6.70
N GLY B 78 -18.90 -15.79 6.36
CA GLY B 78 -18.36 -14.62 7.02
C GLY B 78 -17.22 -13.98 6.23
N ALA B 79 -16.63 -14.74 5.32
CA ALA B 79 -15.58 -14.19 4.47
C ALA B 79 -16.16 -13.18 3.48
N SER B 80 -15.28 -12.36 2.93
CA SER B 80 -15.67 -11.51 1.84
C SER B 80 -14.54 -11.42 0.83
N ALA B 81 -14.89 -11.02 -0.39
CA ALA B 81 -13.92 -10.64 -1.40
C ALA B 81 -14.20 -9.19 -1.72
N ALA B 82 -13.88 -8.32 -0.78
CA ALA B 82 -14.17 -6.89 -0.90
C ALA B 82 -13.03 -6.14 -1.57
N SER B 83 -13.33 -4.96 -2.09
CA SER B 83 -12.31 -4.08 -2.65
C SER B 83 -11.42 -4.88 -3.62
N ALA B 84 -10.12 -4.98 -3.34
CA ALA B 84 -9.17 -5.62 -4.25
C ALA B 84 -9.53 -7.07 -4.57
N GLY B 85 -10.12 -7.76 -3.59
CA GLY B 85 -10.51 -9.16 -3.75
C GLY B 85 -11.60 -9.39 -4.79
N THR B 86 -12.41 -8.35 -5.05
CA THR B 86 -13.45 -8.45 -6.05
C THR B 86 -12.85 -8.52 -7.45
N TYR B 87 -11.83 -7.71 -7.70
CA TYR B 87 -11.14 -7.72 -8.98
C TYR B 87 -10.45 -9.07 -9.24
N ILE B 88 -9.89 -9.67 -8.19
CA ILE B 88 -9.27 -10.98 -8.34
C ILE B 88 -10.31 -12.02 -8.78
N ALA B 89 -11.47 -12.00 -8.11
CA ALA B 89 -12.59 -12.87 -8.43
C ALA B 89 -12.98 -12.70 -9.90
N LEU B 90 -13.28 -11.47 -10.28
CA LEU B 90 -13.73 -11.14 -11.62
C LEU B 90 -12.70 -11.44 -12.69
N GLY B 91 -11.45 -11.52 -12.27
CA GLY B 91 -10.38 -11.81 -13.20
C GLY B 91 -10.08 -13.30 -13.31
N SER B 92 -10.82 -14.13 -12.56
CA SER B 92 -10.58 -15.57 -12.53
C SER B 92 -11.55 -16.40 -13.40
N HIS B 93 -11.22 -17.68 -13.57
CA HIS B 93 -11.97 -18.61 -14.45
C HIS B 93 -13.36 -19.02 -13.96
N LEU B 94 -13.57 -18.98 -12.64
CA LEU B 94 -14.85 -19.31 -12.03
C LEU B 94 -14.90 -18.74 -10.62
N ILE B 95 -16.06 -18.23 -10.22
CA ILE B 95 -16.24 -17.68 -8.87
C ILE B 95 -17.30 -18.47 -8.12
N ALA B 96 -16.95 -18.88 -6.89
CA ALA B 96 -17.90 -19.52 -6.01
C ALA B 96 -17.97 -18.74 -4.72
N MET B 97 -19.12 -18.78 -4.06
CA MET B 97 -19.27 -18.13 -2.76
C MET B 97 -20.01 -19.07 -1.82
N ALA B 98 -19.53 -19.15 -0.58
CA ALA B 98 -20.20 -19.90 0.48
C ALA B 98 -21.37 -19.08 1.04
N PRO B 99 -22.40 -19.75 1.58
CA PRO B 99 -23.49 -19.00 2.22
C PRO B 99 -22.90 -18.04 3.26
N GLY B 100 -23.42 -16.81 3.32
CA GLY B 100 -23.00 -15.83 4.32
C GLY B 100 -21.70 -15.12 4.02
N THR B 101 -21.34 -15.04 2.73
CA THR B 101 -20.14 -14.30 2.34
C THR B 101 -20.52 -13.06 1.53
N SER B 102 -19.53 -12.24 1.23
CA SER B 102 -19.77 -10.94 0.60
C SER B 102 -18.83 -10.73 -0.59
N ILE B 103 -19.35 -10.08 -1.63
CA ILE B 103 -18.51 -9.61 -2.72
C ILE B 103 -18.93 -8.20 -3.09
N GLY B 104 -17.94 -7.40 -3.49
CA GLY B 104 -18.19 -6.04 -3.99
C GLY B 104 -17.51 -5.02 -3.09
N ALA B 105 -18.08 -3.81 -3.04
CA ALA B 105 -17.57 -2.72 -2.20
C ALA B 105 -16.16 -2.31 -2.62
N CYS B 106 -16.06 -1.66 -3.78
CA CYS B 106 -14.77 -1.46 -4.44
C CYS B 106 -14.40 -0.01 -4.73
N ARG B 107 -15.16 0.94 -4.18
CA ARG B 107 -14.92 2.36 -4.40
C ARG B 107 -13.50 2.72 -3.94
N PRO B 108 -12.61 3.06 -4.88
CA PRO B 108 -11.22 3.32 -4.49
C PRO B 108 -11.08 4.56 -3.62
N ILE B 109 -10.16 4.50 -2.66
CA ILE B 109 -9.77 5.65 -1.83
C ILE B 109 -8.23 5.74 -1.81
N LEU B 110 -7.69 6.93 -1.54
CA LEU B 110 -6.24 7.05 -1.39
C LEU B 110 -5.81 6.36 -0.09
N GLY B 111 -6.73 6.29 0.88
CA GLY B 111 -6.53 5.54 2.12
C GLY B 111 -7.28 6.14 3.31
N TYR B 112 -7.07 5.56 4.50
CA TYR B 112 -7.73 6.04 5.71
C TYR B 112 -6.82 6.99 6.50
N SER B 113 -7.44 7.94 7.20
CA SER B 113 -6.71 8.92 8.00
C SER B 113 -6.68 8.54 9.48
N GLN B 114 -6.05 9.39 10.30
CA GLN B 114 -5.91 9.16 11.74
C GLN B 114 -7.27 8.88 12.40
N ASN B 115 -8.20 9.82 12.24
CA ASN B 115 -9.44 9.83 13.02
C ASN B 115 -10.65 9.32 12.24
N GLY B 116 -10.58 8.07 11.81
CA GLY B 116 -11.66 7.44 11.06
C GLY B 116 -11.89 8.03 9.66
N SER B 117 -11.39 9.23 9.44
CA SER B 117 -11.52 9.94 8.15
C SER B 117 -11.02 9.11 6.95
N ILE B 118 -11.54 9.38 5.77
CA ILE B 118 -11.09 8.71 4.54
C ILE B 118 -10.57 9.71 3.50
N ILE B 119 -9.36 9.49 3.02
CA ILE B 119 -8.75 10.34 1.99
C ILE B 119 -9.36 9.99 0.63
N GLU B 120 -9.98 10.98 0.00
CA GLU B 120 -10.73 10.74 -1.23
C GLU B 120 -9.81 10.40 -2.40
N ALA B 121 -10.30 9.54 -3.29
CA ALA B 121 -9.60 9.28 -4.55
C ALA B 121 -10.00 10.36 -5.53
N PRO B 122 -9.01 10.93 -6.26
CA PRO B 122 -9.35 11.87 -7.32
C PRO B 122 -10.18 11.14 -8.40
N PRO B 123 -11.09 11.88 -9.09
CA PRO B 123 -11.95 11.29 -10.12
C PRO B 123 -11.25 10.40 -11.16
N ALA B 124 -10.03 10.76 -11.56
CA ALA B 124 -9.29 9.98 -12.56
C ALA B 124 -9.09 8.52 -12.11
N ILE B 125 -8.51 8.35 -10.92
CA ILE B 125 -8.43 7.04 -10.26
C ILE B 125 -9.75 6.28 -10.26
N THR B 126 -10.82 6.96 -9.89
CA THR B 126 -12.16 6.35 -9.85
C THR B 126 -12.57 5.85 -11.24
N ASN B 127 -12.47 6.73 -12.24
CA ASN B 127 -12.76 6.39 -13.63
C ASN B 127 -11.85 5.29 -14.16
N TYR B 128 -10.59 5.29 -13.73
CA TYR B 128 -9.64 4.29 -14.15
C TYR B 128 -10.08 2.90 -13.65
N PHE B 129 -10.57 2.82 -12.41
CA PHE B 129 -10.98 1.54 -11.87
C PHE B 129 -12.35 1.07 -12.35
N ILE B 130 -13.23 2.03 -12.66
CA ILE B 130 -14.49 1.74 -13.34
C ILE B 130 -14.21 1.02 -14.67
N ALA B 131 -13.33 1.59 -15.49
CA ALA B 131 -12.97 1.00 -16.79
C ALA B 131 -12.33 -0.39 -16.61
N TYR B 132 -11.44 -0.52 -15.63
CA TYR B 132 -10.78 -1.78 -15.33
C TYR B 132 -11.76 -2.89 -14.88
N ILE B 133 -12.64 -2.56 -13.94
CA ILE B 133 -13.57 -3.55 -13.42
C ILE B 133 -14.63 -3.96 -14.48
N LYS B 134 -15.07 -3.00 -15.29
CA LYS B 134 -15.99 -3.25 -16.41
C LYS B 134 -15.32 -4.17 -17.41
N SER B 135 -14.06 -3.89 -17.70
CA SER B 135 -13.27 -4.72 -18.59
C SER B 135 -13.17 -6.19 -18.14
N LEU B 136 -12.77 -6.41 -16.88
CA LEU B 136 -12.70 -7.75 -16.29
C LEU B 136 -14.06 -8.46 -16.38
N ALA B 137 -15.13 -7.73 -16.09
CA ALA B 137 -16.48 -8.28 -16.18
C ALA B 137 -16.84 -8.62 -17.63
N GLN B 138 -16.48 -7.74 -18.57
CA GLN B 138 -16.76 -7.98 -19.98
C GLN B 138 -15.98 -9.20 -20.49
N GLU B 139 -14.68 -9.24 -20.19
CA GLU B 139 -13.82 -10.33 -20.63
C GLU B 139 -14.27 -11.68 -20.11
N SER B 140 -14.91 -11.70 -18.94
CA SER B 140 -15.33 -12.97 -18.35
C SER B 140 -16.85 -13.22 -18.45
N GLY B 141 -17.55 -12.35 -19.18
CA GLY B 141 -18.98 -12.49 -19.39
C GLY B 141 -19.84 -12.28 -18.16
N ARG B 142 -19.32 -11.52 -17.21
CA ARG B 142 -20.01 -11.25 -15.97
C ARG B 142 -20.65 -9.88 -16.05
N ASN B 143 -21.62 -9.63 -15.17
CA ASN B 143 -22.41 -8.41 -15.26
C ASN B 143 -21.59 -7.14 -15.03
N ALA B 144 -21.27 -6.45 -16.12
CA ALA B 144 -20.46 -5.24 -16.07
C ALA B 144 -21.20 -4.06 -15.44
N THR B 145 -22.50 -4.01 -15.68
CA THR B 145 -23.37 -3.01 -15.08
C THR B 145 -23.30 -3.04 -13.55
N ILE B 146 -23.52 -4.23 -12.98
CA ILE B 146 -23.41 -4.43 -11.54
C ILE B 146 -21.98 -4.23 -11.02
N ALA B 147 -21.00 -4.65 -11.82
CA ALA B 147 -19.60 -4.52 -11.41
C ALA B 147 -19.23 -3.06 -11.20
N GLU B 148 -19.76 -2.18 -12.06
CA GLU B 148 -19.55 -0.74 -11.93
C GLU B 148 -20.12 -0.23 -10.61
N GLU B 149 -21.28 -0.76 -10.24
CA GLU B 149 -21.94 -0.31 -9.02
C GLU B 149 -21.18 -0.74 -7.75
N PHE B 150 -20.32 -1.76 -7.88
CA PHE B 150 -19.38 -2.11 -6.80
C PHE B 150 -18.53 -0.90 -6.44
N ILE B 151 -18.29 -0.04 -7.43
CA ILE B 151 -17.53 1.19 -7.24
C ILE B 151 -18.48 2.38 -7.00
N THR B 152 -19.33 2.67 -7.98
CA THR B 152 -20.11 3.92 -7.98
C THR B 152 -21.12 4.03 -6.82
N LYS B 153 -21.50 2.89 -6.25
CA LYS B 153 -22.48 2.87 -5.16
C LYS B 153 -21.97 2.07 -3.98
N ASP B 154 -20.69 1.72 -4.02
CA ASP B 154 -20.07 0.84 -3.01
C ASP B 154 -20.95 -0.40 -2.77
N LEU B 155 -21.53 -0.92 -3.84
CA LEU B 155 -22.46 -2.04 -3.78
C LEU B 155 -21.80 -3.33 -3.32
N SER B 156 -22.43 -4.00 -2.38
CA SER B 156 -21.97 -5.28 -1.89
C SER B 156 -23.10 -6.29 -2.06
N LEU B 157 -22.75 -7.54 -2.33
CA LEU B 157 -23.78 -8.54 -2.66
C LEU B 157 -23.61 -9.83 -1.87
N THR B 158 -24.75 -10.46 -1.54
CA THR B 158 -24.75 -11.81 -0.98
C THR B 158 -24.45 -12.81 -2.11
N PRO B 159 -24.16 -14.08 -1.75
CA PRO B 159 -23.92 -15.07 -2.79
C PRO B 159 -25.14 -15.25 -3.69
N GLU B 160 -26.33 -15.33 -3.10
CA GLU B 160 -27.56 -15.57 -3.86
C GLU B 160 -27.83 -14.40 -4.80
N GLU B 161 -27.57 -13.19 -4.32
CA GLU B 161 -27.68 -11.99 -5.13
C GLU B 161 -26.66 -11.99 -6.27
N ALA B 162 -25.41 -12.33 -5.94
CA ALA B 162 -24.29 -12.35 -6.90
C ALA B 162 -24.53 -13.29 -8.08
N LEU B 163 -25.09 -14.46 -7.80
CA LEU B 163 -25.44 -15.44 -8.83
C LEU B 163 -26.57 -14.93 -9.70
N LYS B 164 -27.63 -14.44 -9.04
CA LYS B 164 -28.82 -13.93 -9.72
C LYS B 164 -28.47 -12.81 -10.70
N TYR B 165 -27.55 -11.92 -10.28
CA TYR B 165 -27.13 -10.78 -11.11
C TYR B 165 -26.01 -11.11 -12.13
N GLY B 166 -25.57 -12.37 -12.14
CA GLY B 166 -24.59 -12.84 -13.10
C GLY B 166 -23.20 -12.27 -12.88
N VAL B 167 -22.77 -12.25 -11.62
CA VAL B 167 -21.41 -11.86 -11.24
C VAL B 167 -20.57 -13.09 -10.94
N ILE B 168 -21.23 -14.14 -10.43
CA ILE B 168 -20.55 -15.40 -10.06
C ILE B 168 -21.26 -16.61 -10.67
N GLU B 169 -20.65 -17.78 -10.56
CA GLU B 169 -21.16 -18.97 -11.22
C GLU B 169 -21.74 -20.03 -10.27
N VAL B 170 -21.27 -20.05 -9.03
CA VAL B 170 -21.56 -21.14 -8.09
C VAL B 170 -21.77 -20.68 -6.63
N VAL B 171 -22.85 -21.15 -6.00
CA VAL B 171 -23.04 -21.03 -4.55
C VAL B 171 -22.84 -22.41 -3.90
N ALA B 172 -21.86 -22.53 -3.01
CA ALA B 172 -21.49 -23.83 -2.44
C ALA B 172 -21.02 -23.77 -0.98
N ARG B 173 -21.50 -24.72 -0.16
CA ARG B 173 -21.19 -24.78 1.28
C ARG B 173 -19.80 -25.32 1.60
N ASP B 174 -19.25 -26.16 0.73
CA ASP B 174 -17.90 -26.72 0.91
C ASP B 174 -17.30 -27.17 -0.43
N ILE B 175 -16.04 -27.60 -0.39
CA ILE B 175 -15.33 -28.11 -1.57
C ILE B 175 -16.10 -29.19 -2.33
N ASN B 176 -16.72 -30.10 -1.59
CA ASN B 176 -17.57 -31.17 -2.13
C ASN B 176 -18.64 -30.64 -3.06
N GLU B 177 -19.47 -29.73 -2.53
CA GLU B 177 -20.58 -29.16 -3.28
C GLU B 177 -20.06 -28.33 -4.47
N LEU B 178 -18.96 -27.61 -4.26
CA LEU B 178 -18.35 -26.79 -5.31
C LEU B 178 -17.97 -27.63 -6.52
N LEU B 179 -17.16 -28.67 -6.32
CA LEU B 179 -16.82 -29.60 -7.40
C LEU B 179 -18.06 -30.18 -8.09
N LYS B 180 -19.03 -30.63 -7.30
CA LYS B 180 -20.28 -31.21 -7.82
C LYS B 180 -21.06 -30.26 -8.70
N LYS B 181 -21.22 -29.01 -8.26
CA LYS B 181 -21.98 -28.03 -9.03
C LYS B 181 -21.20 -27.46 -10.22
N SER B 182 -19.88 -27.36 -10.07
CA SER B 182 -19.05 -26.76 -11.12
C SER B 182 -18.57 -27.76 -12.17
N ASN B 183 -18.72 -29.05 -11.87
CA ASN B 183 -18.42 -30.10 -12.83
C ASN B 183 -19.22 -29.90 -14.10
N GLY B 184 -18.53 -29.86 -15.24
CA GLY B 184 -19.19 -29.61 -16.52
C GLY B 184 -19.30 -28.14 -16.90
N MET B 185 -18.99 -27.24 -15.97
CA MET B 185 -19.00 -25.80 -16.27
C MET B 185 -17.82 -25.41 -17.14
N LYS B 186 -18.07 -24.54 -18.11
CA LYS B 186 -17.00 -23.90 -18.88
C LYS B 186 -16.40 -22.76 -18.07
N THR B 187 -15.08 -22.63 -18.14
CA THR B 187 -14.39 -21.50 -17.52
C THR B 187 -14.82 -20.19 -18.18
N LYS B 188 -14.85 -19.13 -17.38
CA LYS B 188 -15.30 -17.82 -17.85
C LYS B 188 -14.24 -17.08 -18.65
N ILE B 189 -12.98 -17.46 -18.48
CA ILE B 189 -11.91 -16.93 -19.31
C ILE B 189 -11.14 -18.11 -19.87
N PRO B 190 -10.33 -17.89 -20.92
CA PRO B 190 -9.56 -18.98 -21.48
C PRO B 190 -8.43 -19.43 -20.57
N VAL B 191 -8.01 -20.67 -20.74
CA VAL B 191 -6.75 -21.17 -20.26
C VAL B 191 -5.92 -21.40 -21.52
N ASN B 192 -4.85 -20.63 -21.67
CA ASN B 192 -3.98 -20.70 -22.87
C ASN B 192 -4.73 -20.64 -24.20
N GLY B 193 -5.72 -19.76 -24.30
CA GLY B 193 -6.43 -19.55 -25.56
C GLY B 193 -7.76 -20.24 -25.77
N ARG B 194 -7.99 -21.35 -25.06
CA ARG B 194 -9.30 -22.02 -25.16
C ARG B 194 -10.08 -22.11 -23.84
N TYR B 195 -11.40 -22.05 -23.96
CA TYR B 195 -12.29 -22.12 -22.80
C TYR B 195 -12.49 -23.57 -22.39
N VAL B 196 -11.87 -23.93 -21.27
CA VAL B 196 -11.87 -25.29 -20.78
C VAL B 196 -13.19 -25.68 -20.10
N THR B 197 -13.65 -26.89 -20.39
CA THR B 197 -14.77 -27.48 -19.68
C THR B 197 -14.22 -28.23 -18.48
N LEU B 198 -14.74 -27.92 -17.29
CA LEU B 198 -14.22 -28.50 -16.06
C LEU B 198 -14.71 -29.92 -15.86
N ASN B 199 -13.73 -30.83 -15.70
CA ASN B 199 -14.00 -32.24 -15.44
C ASN B 199 -13.73 -32.54 -13.96
N PHE B 200 -14.80 -32.67 -13.18
CA PHE B 200 -14.66 -33.05 -11.78
C PHE B 200 -15.25 -34.43 -11.46
N THR B 201 -15.45 -35.26 -12.49
CA THR B 201 -15.76 -36.68 -12.27
C THR B 201 -14.45 -37.37 -11.90
N ASN B 202 -14.49 -38.16 -10.82
CA ASN B 202 -13.29 -38.84 -10.29
C ASN B 202 -12.16 -37.87 -9.88
N VAL B 203 -12.40 -37.16 -8.79
CA VAL B 203 -11.51 -36.07 -8.34
C VAL B 203 -10.69 -36.43 -7.10
N GLU B 204 -9.40 -36.09 -7.12
CA GLU B 204 -8.55 -36.13 -5.92
C GLU B 204 -8.28 -34.71 -5.41
N VAL B 205 -8.80 -34.41 -4.22
CA VAL B 205 -8.61 -33.10 -3.62
C VAL B 205 -7.30 -33.08 -2.83
N ARG B 206 -6.47 -32.09 -3.12
CA ARG B 206 -5.19 -31.91 -2.44
C ARG B 206 -5.12 -30.51 -1.83
N TYR B 207 -4.91 -30.47 -0.52
CA TYR B 207 -4.83 -29.20 0.20
C TYR B 207 -3.39 -28.72 0.34
N LEU B 208 -3.14 -27.47 -0.06
CA LEU B 208 -1.81 -26.87 0.07
C LEU B 208 -1.70 -26.08 1.36
N ALA B 209 -0.69 -26.41 2.16
CA ALA B 209 -0.44 -25.71 3.41
C ALA B 209 0.27 -24.39 3.11
N PRO B 210 0.00 -23.35 3.92
CA PRO B 210 0.80 -22.16 3.75
C PRO B 210 2.23 -22.40 4.24
N SER B 211 3.18 -21.67 3.69
CA SER B 211 4.58 -21.86 4.05
C SER B 211 4.91 -21.13 5.34
N PHE B 212 6.09 -21.43 5.89
CA PHE B 212 6.61 -20.74 7.07
C PHE B 212 6.48 -19.24 6.91
N LYS B 213 6.99 -18.72 5.79
CA LYS B 213 6.92 -17.29 5.50
C LYS B 213 5.47 -16.78 5.53
N ASP B 214 4.55 -17.53 4.91
CA ASP B 214 3.12 -17.21 4.94
C ASP B 214 2.63 -17.03 6.37
N LYS B 215 2.89 -18.03 7.20
CA LYS B 215 2.41 -18.08 8.58
C LYS B 215 2.99 -16.95 9.43
N LEU B 216 4.28 -16.69 9.28
CA LEU B 216 4.95 -15.63 10.03
C LEU B 216 4.35 -14.26 9.73
N ILE B 217 4.24 -13.92 8.45
CA ILE B 217 3.70 -12.63 8.02
C ILE B 217 2.29 -12.41 8.58
N SER B 218 1.48 -13.47 8.55
CA SER B 218 0.10 -13.38 9.01
C SER B 218 -0.04 -13.35 10.55
N TYR B 219 0.85 -14.03 11.25
CA TYR B 219 0.86 -13.93 12.72
C TYR B 219 1.24 -12.53 13.17
N ILE B 220 2.23 -11.92 12.51
CA ILE B 220 2.56 -10.52 12.78
C ILE B 220 1.36 -9.62 12.55
N THR B 221 0.64 -9.91 11.46
CA THR B 221 -0.59 -9.19 11.09
C THR B 221 -1.68 -9.30 12.15
N ASP B 222 -1.89 -10.51 12.68
CA ASP B 222 -2.86 -10.75 13.76
C ASP B 222 -2.57 -9.98 15.08
N LEU B 223 -1.56 -9.12 15.09
CA LEU B 223 -1.20 -8.30 16.25
C LEU B 223 -1.20 -6.81 15.91
N ASN C 1 8.77 8.07 -6.76
CA ASN C 1 8.01 6.80 -6.94
C ASN C 1 7.11 6.44 -5.75
N VAL C 2 6.22 7.36 -5.38
CA VAL C 2 5.19 7.09 -4.37
C VAL C 2 4.11 6.19 -4.95
N ILE C 3 3.87 5.06 -4.28
CA ILE C 3 2.83 4.14 -4.71
C ILE C 3 1.47 4.57 -4.16
N VAL C 4 0.54 4.76 -5.09
CA VAL C 4 -0.68 5.49 -4.83
C VAL C 4 -1.79 4.73 -4.09
N LEU C 5 -2.18 3.56 -4.59
CA LEU C 5 -3.55 3.11 -4.28
C LEU C 5 -3.83 1.85 -3.45
N MET C 6 -4.87 1.99 -2.61
CA MET C 6 -5.62 0.90 -1.97
C MET C 6 -7.13 1.15 -2.19
N LEU C 7 -7.99 0.23 -1.72
CA LEU C 7 -9.45 0.37 -1.87
C LEU C 7 -10.22 -0.15 -0.62
N PRO C 8 -11.39 0.46 -0.30
CA PRO C 8 -12.22 -0.03 0.80
C PRO C 8 -13.38 -0.92 0.32
C1 GOL D . 13.72 28.99 3.37
O1 GOL D . 13.74 27.58 3.33
C2 GOL D . 14.53 29.54 2.20
O2 GOL D . 13.92 30.69 1.69
C3 GOL D . 15.91 29.89 2.70
O3 GOL D . 16.85 29.07 2.06
N1 IMD E . 6.72 24.01 21.43
C2 IMD E . 7.74 23.16 21.73
N3 IMD E . 8.82 23.58 21.06
C4 IMD E . 8.49 24.68 20.34
C5 IMD E . 7.15 24.96 20.58
N1 IMD F . 18.12 6.42 17.81
C2 IMD F . 18.26 7.21 16.73
N3 IMD F . 19.56 7.21 16.35
C4 IMD F . 20.25 6.43 17.21
C5 IMD F . 19.34 5.92 18.13
CL CL G . 9.37 31.19 20.01
C1 GOL H . -22.02 -15.42 -14.98
O1 GOL H . -21.07 -16.33 -15.52
C2 GOL H . -23.45 -15.74 -15.45
O2 GOL H . -23.49 -16.18 -16.78
C3 GOL H . -24.02 -16.81 -14.53
O3 GOL H . -24.35 -16.21 -13.30
N1 IMD I . -5.60 -27.73 -19.12
C2 IMD I . -5.56 -27.60 -17.78
N3 IMD I . -6.78 -27.87 -17.27
C4 IMD I . -7.60 -28.19 -18.30
C5 IMD I . -6.86 -28.10 -19.47
#